data_7WQM
#
_entry.id   7WQM
#
_cell.length_a   48.827
_cell.length_b   49.692
_cell.length_c   83.075
_cell.angle_alpha   74.690
_cell.angle_beta   74.580
_cell.angle_gamma   61.320
#
_symmetry.space_group_name_H-M   'P 1'
#
loop_
_entity.id
_entity.type
_entity.pdbx_description
1 polymer 'Aldo-keto reductase family 1 member C3'
2 non-polymer 'NADP NICOTINAMIDE-ADENINE-DINUCLEOTIDE PHOSPHATE'
3 non-polymer 2-[(3,5-dimethyl-1,2-oxazol-4-yl)methoxy]-~{N}-(2-methoxyphenyl)benzamide
4 water water
#
_entity_poly.entity_id   1
_entity_poly.type   'polypeptide(L)'
_entity_poly.pdbx_seq_one_letter_code
;MHHHHHHDSKHQCVKLNDGHFMPVLGFGTYAPPEVPRSKALEVTKLAIEAGFRHIDSAHLYNNEEQVGLAIRSKIADGSV
KREDIFYTSKLWSTFHRPELVRPALENSLKKAQLDYVDLYLIHSPMSLKPGEELSPTDENGKVIFDIVDLCTTWEAMEKC
KDAGLAKSIGVSNFNRRQLEMILNKPGLKYKPVCNQVECHPYFNRSKLLDFCKSKDIVLVAYSALGSQRDKRWVDPNSPV
LLEDPVLCALAKKHKRTPALIALRYQLQRGVVVLAKSYNEQRIRQNVQVFEFQLTAEDMKAIDGLDRNLHYFNSDSFASH
PNYPYSDEY
;
_entity_poly.pdbx_strand_id   A,B
#
# COMPACT_ATOMS: atom_id res chain seq x y z
N GLN A 12 -15.07 22.38 9.61
CA GLN A 12 -16.06 22.29 10.73
C GLN A 12 -15.72 21.08 11.61
N CYS A 13 -15.37 21.33 12.86
CA CYS A 13 -14.94 20.27 13.77
C CYS A 13 -15.69 20.44 15.08
N VAL A 14 -15.82 19.33 15.80
CA VAL A 14 -16.32 19.33 17.17
C VAL A 14 -15.15 19.00 18.07
N LYS A 15 -15.09 19.67 19.21
CA LYS A 15 -14.04 19.41 20.18
C LYS A 15 -14.40 18.17 21.01
N LEU A 16 -13.49 17.21 21.04
CA LEU A 16 -13.70 16.00 21.80
C LEU A 16 -13.36 16.24 23.28
N ASN A 17 -13.83 15.34 24.14
CA ASN A 17 -13.65 15.54 25.57
C ASN A 17 -12.19 15.36 26.01
N ASP A 18 -11.31 14.91 25.12
CA ASP A 18 -9.88 14.84 25.42
C ASP A 18 -9.10 15.98 24.80
N GLY A 19 -9.78 16.98 24.25
CA GLY A 19 -9.13 18.15 23.68
C GLY A 19 -8.87 18.09 22.19
N HIS A 20 -8.91 16.91 21.59
CA HIS A 20 -8.68 16.80 20.15
C HIS A 20 -9.95 17.20 19.39
N PHE A 21 -9.79 17.42 18.09
CA PHE A 21 -10.87 17.91 17.24
C PHE A 21 -11.21 16.87 16.19
N MET A 22 -12.50 16.76 15.88
CA MET A 22 -13.00 15.76 14.94
C MET A 22 -13.84 16.46 13.87
N PRO A 23 -13.50 16.33 12.59
CA PRO A 23 -14.35 16.91 11.54
C PRO A 23 -15.73 16.26 11.55
N VAL A 24 -16.76 17.11 11.44
CA VAL A 24 -18.13 16.65 11.63
C VAL A 24 -18.69 15.86 10.46
N LEU A 25 -18.00 15.86 9.31
CA LEU A 25 -18.39 15.04 8.17
C LEU A 25 -17.27 14.04 7.89
N GLY A 26 -17.63 12.77 7.83
CA GLY A 26 -16.65 11.71 7.66
C GLY A 26 -16.98 10.82 6.47
N PHE A 27 -15.93 10.28 5.87
CA PHE A 27 -16.05 9.42 4.70
C PHE A 27 -16.03 7.96 5.12
N GLY A 28 -17.13 7.25 4.85
CA GLY A 28 -17.19 5.83 5.15
C GLY A 28 -16.58 5.01 4.02
N THR A 29 -15.70 4.08 4.38
CA THR A 29 -14.92 3.35 3.40
C THR A 29 -15.32 1.89 3.23
N TYR A 30 -16.24 1.37 4.03
CA TYR A 30 -16.57 -0.04 3.90
C TYR A 30 -17.31 -0.30 2.60
N ALA A 31 -16.84 -1.28 1.84
CA ALA A 31 -17.48 -1.77 0.64
C ALA A 31 -17.53 -3.28 0.68
N PRO A 32 -18.56 -3.90 0.09
CA PRO A 32 -18.66 -5.36 0.14
C PRO A 32 -17.48 -6.00 -0.55
N PRO A 33 -17.13 -7.24 -0.17
CA PRO A 33 -15.95 -7.89 -0.77
C PRO A 33 -16.08 -8.14 -2.26
N GLU A 34 -17.26 -7.95 -2.85
CA GLU A 34 -17.49 -7.91 -4.29
C GLU A 34 -16.65 -6.83 -4.96
N VAL A 35 -16.41 -5.76 -4.22
CA VAL A 35 -15.72 -4.59 -4.74
C VAL A 35 -14.22 -4.82 -4.63
N PRO A 36 -13.45 -4.67 -5.71
CA PRO A 36 -12.00 -4.89 -5.64
C PRO A 36 -11.36 -3.97 -4.61
N ARG A 37 -10.28 -4.48 -3.99
CA ARG A 37 -9.61 -3.72 -2.94
C ARG A 37 -9.04 -2.41 -3.48
N SER A 38 -8.66 -2.38 -4.75
CA SER A 38 -8.09 -1.17 -5.34
C SER A 38 -9.08 -0.01 -5.34
N LYS A 39 -10.39 -0.28 -5.27
CA LYS A 39 -11.38 0.78 -5.34
C LYS A 39 -11.34 1.68 -4.10
N ALA A 40 -11.07 1.10 -2.93
CA ALA A 40 -10.96 1.90 -1.72
C ALA A 40 -9.90 2.97 -1.86
N LEU A 41 -8.78 2.62 -2.51
CA LEU A 41 -7.72 3.61 -2.73
C LEU A 41 -8.21 4.77 -3.60
N GLU A 42 -8.89 4.45 -4.70
CA GLU A 42 -9.30 5.49 -5.65
C GLU A 42 -10.36 6.42 -5.05
N VAL A 43 -11.34 5.85 -4.34
CA VAL A 43 -12.43 6.69 -3.85
C VAL A 43 -12.02 7.47 -2.61
N THR A 44 -11.13 6.93 -1.77
CA THR A 44 -10.65 7.70 -0.62
C THR A 44 -9.82 8.90 -1.09
N LYS A 45 -9.08 8.72 -2.19
CA LYS A 45 -8.39 9.86 -2.79
C LYS A 45 -9.37 10.87 -3.34
N LEU A 46 -10.47 10.40 -3.93
CA LEU A 46 -11.49 11.32 -4.44
C LEU A 46 -12.20 12.03 -3.29
N ALA A 47 -12.40 11.34 -2.17
CA ALA A 47 -13.05 11.96 -1.01
C ALA A 47 -12.19 13.08 -0.44
N ILE A 48 -10.89 12.82 -0.27
CA ILE A 48 -9.97 13.86 0.20
C ILE A 48 -9.95 15.02 -0.78
N GLU A 49 -9.91 14.72 -2.07
CA GLU A 49 -9.91 15.78 -3.08
C GLU A 49 -11.21 16.57 -3.08
N ALA A 50 -12.33 15.93 -2.73
CA ALA A 50 -13.61 16.62 -2.68
C ALA A 50 -13.79 17.45 -1.42
N GLY A 51 -12.92 17.28 -0.42
CA GLY A 51 -12.96 18.07 0.80
C GLY A 51 -13.11 17.26 2.08
N PHE A 52 -13.31 15.95 2.00
CA PHE A 52 -13.38 15.14 3.22
C PHE A 52 -12.04 15.17 3.94
N ARG A 53 -12.09 15.30 5.26
CA ARG A 53 -10.88 15.25 6.09
C ARG A 53 -11.01 14.24 7.22
N HIS A 54 -12.16 13.59 7.35
CA HIS A 54 -12.43 12.57 8.35
C HIS A 54 -12.69 11.27 7.60
N ILE A 55 -11.88 10.25 7.87
CA ILE A 55 -11.90 9.01 7.09
C ILE A 55 -12.05 7.83 8.04
N ASP A 56 -13.08 7.03 7.80
CA ASP A 56 -13.51 5.97 8.72
C ASP A 56 -13.17 4.60 8.13
N SER A 57 -12.33 3.84 8.83
CA SER A 57 -11.98 2.49 8.40
C SER A 57 -12.05 1.54 9.59
N ALA A 58 -11.62 0.30 9.39
CA ALA A 58 -11.64 -0.71 10.44
C ALA A 58 -10.90 -1.94 9.95
N HIS A 59 -10.37 -2.71 10.91
CA HIS A 59 -9.80 -4.01 10.58
C HIS A 59 -10.81 -4.88 9.84
N LEU A 60 -12.08 -4.81 10.25
CA LEU A 60 -13.13 -5.61 9.63
C LEU A 60 -13.27 -5.33 8.14
N TYR A 61 -12.97 -4.09 7.71
CA TYR A 61 -13.25 -3.69 6.33
C TYR A 61 -12.22 -4.21 5.34
N ASN A 62 -11.08 -4.73 5.81
CA ASN A 62 -10.05 -5.32 4.95
C ASN A 62 -9.59 -4.33 3.88
N ASN A 63 -9.44 -3.06 4.26
CA ASN A 63 -9.02 -2.05 3.31
C ASN A 63 -8.03 -1.03 3.86
N GLU A 64 -7.44 -1.29 5.03
CA GLU A 64 -6.61 -0.27 5.68
C GLU A 64 -5.35 0.04 4.88
N GLU A 65 -4.79 -0.94 4.17
CA GLU A 65 -3.64 -0.67 3.32
C GLU A 65 -4.01 0.29 2.20
N GLN A 66 -5.19 0.11 1.59
CA GLN A 66 -5.60 0.98 0.49
C GLN A 66 -6.02 2.35 0.98
N VAL A 67 -6.73 2.42 2.12
CA VAL A 67 -7.09 3.71 2.69
C VAL A 67 -5.84 4.46 3.13
N GLY A 68 -4.90 3.76 3.75
CA GLY A 68 -3.65 4.40 4.13
C GLY A 68 -2.86 4.88 2.92
N LEU A 69 -2.91 4.13 1.83
CA LEU A 69 -2.24 4.55 0.61
C LEU A 69 -2.83 5.84 0.06
N ALA A 70 -4.15 5.99 0.17
CA ALA A 70 -4.81 7.20 -0.32
C ALA A 70 -4.41 8.41 0.51
N ILE A 71 -4.32 8.25 1.83
CA ILE A 71 -3.90 9.36 2.69
C ILE A 71 -2.46 9.75 2.36
N ARG A 72 -1.56 8.76 2.33
CA ARG A 72 -0.17 9.03 1.98
C ARG A 72 -0.06 9.67 0.59
N SER A 73 -0.95 9.30 -0.32
CA SER A 73 -0.90 9.85 -1.68
C SER A 73 -1.23 11.34 -1.70
N LYS A 74 -2.23 11.75 -0.91
CA LYS A 74 -2.58 13.16 -0.85
C LYS A 74 -1.62 13.96 0.03
N ILE A 75 -0.88 13.30 0.91
CA ILE A 75 0.20 13.97 1.62
C ILE A 75 1.40 14.16 0.70
N ALA A 76 1.72 13.15 -0.09
CA ALA A 76 2.91 13.19 -0.93
C ALA A 76 2.76 14.22 -2.06
N ASP A 77 1.56 14.36 -2.62
CA ASP A 77 1.39 15.30 -3.73
C ASP A 77 1.19 16.74 -3.26
N GLY A 78 1.17 16.98 -1.95
CA GLY A 78 1.10 18.33 -1.41
C GLY A 78 -0.28 18.82 -1.04
N SER A 79 -1.33 18.03 -1.27
CA SER A 79 -2.68 18.51 -1.05
C SER A 79 -2.98 18.73 0.43
N VAL A 80 -2.38 17.92 1.31
CA VAL A 80 -2.82 17.83 2.70
C VAL A 80 -1.63 17.39 3.54
N LYS A 81 -1.58 17.87 4.78
CA LYS A 81 -0.65 17.34 5.76
C LYS A 81 -1.32 16.28 6.60
N ARG A 82 -0.51 15.39 7.17
CA ARG A 82 -1.06 14.35 8.06
C ARG A 82 -1.90 14.97 9.17
N GLU A 83 -1.54 16.17 9.63
CA GLU A 83 -2.30 16.84 10.68
C GLU A 83 -3.67 17.30 10.21
N ASP A 84 -3.90 17.37 8.90
CA ASP A 84 -5.19 17.77 8.36
C ASP A 84 -6.18 16.62 8.25
N ILE A 85 -5.72 15.37 8.39
CA ILE A 85 -6.55 14.20 8.22
C ILE A 85 -6.92 13.63 9.58
N PHE A 86 -8.19 13.25 9.74
CA PHE A 86 -8.67 12.52 10.91
C PHE A 86 -8.96 11.09 10.46
N TYR A 87 -8.08 10.17 10.82
CA TYR A 87 -8.18 8.79 10.38
C TYR A 87 -8.65 7.92 11.54
N THR A 88 -9.72 7.15 11.30
CA THR A 88 -10.30 6.26 12.29
C THR A 88 -10.08 4.82 11.88
N SER A 89 -9.64 3.99 12.82
CA SER A 89 -9.69 2.53 12.67
C SER A 89 -10.39 1.96 13.88
N LYS A 90 -10.66 0.65 13.83
CA LYS A 90 -11.45 -0.01 14.86
C LYS A 90 -10.87 -1.37 15.20
N LEU A 91 -10.91 -1.70 16.49
CA LEU A 91 -10.50 -3.00 16.98
C LEU A 91 -11.61 -4.02 16.74
N TRP A 92 -11.30 -5.11 16.06
CA TRP A 92 -12.34 -6.08 15.77
C TRP A 92 -12.62 -6.96 16.98
N SER A 93 -13.81 -7.59 16.97
CA SER A 93 -14.33 -8.27 18.14
C SER A 93 -13.55 -9.54 18.50
N THR A 94 -12.73 -10.06 17.61
CA THR A 94 -11.89 -11.21 17.94
C THR A 94 -10.66 -10.80 18.74
N PHE A 95 -10.45 -9.50 18.96
CA PHE A 95 -9.27 -8.98 19.64
C PHE A 95 -9.64 -8.25 20.92
N HIS A 96 -10.75 -8.62 21.56
CA HIS A 96 -11.20 -7.90 22.74
C HIS A 96 -10.35 -8.21 23.97
N ARG A 97 -9.71 -9.36 23.99
CA ARG A 97 -8.91 -9.73 25.15
C ARG A 97 -7.73 -8.77 25.29
N PRO A 98 -7.47 -8.26 26.49
CA PRO A 98 -6.55 -7.11 26.64
C PRO A 98 -5.19 -7.28 25.98
N GLU A 99 -4.60 -8.47 26.05
CA GLU A 99 -3.26 -8.68 25.49
C GLU A 99 -3.24 -8.57 23.97
N LEU A 100 -4.40 -8.64 23.32
CA LEU A 100 -4.47 -8.59 21.86
C LEU A 100 -4.73 -7.19 21.31
N VAL A 101 -5.08 -6.23 22.17
CA VAL A 101 -5.54 -4.93 21.67
C VAL A 101 -4.40 -4.16 21.03
N ARG A 102 -3.29 -3.97 21.77
CA ARG A 102 -2.18 -3.20 21.23
C ARG A 102 -1.55 -3.83 20.00
N PRO A 103 -1.27 -5.15 19.95
CA PRO A 103 -0.79 -5.72 18.69
C PRO A 103 -1.77 -5.56 17.54
N ALA A 104 -3.08 -5.53 17.83
CA ALA A 104 -4.07 -5.29 16.78
C ALA A 104 -3.95 -3.87 16.23
N LEU A 105 -3.77 -2.89 17.11
CA LEU A 105 -3.60 -1.52 16.65
C LEU A 105 -2.31 -1.35 15.85
N GLU A 106 -1.20 -1.89 16.37
CA GLU A 106 0.08 -1.78 15.67
C GLU A 106 0.03 -2.46 14.31
N ASN A 107 -0.74 -3.54 14.19
CA ASN A 107 -0.90 -4.19 12.89
C ASN A 107 -1.70 -3.32 11.93
N SER A 108 -2.76 -2.69 12.43
CA SER A 108 -3.52 -1.76 11.60
C SER A 108 -2.66 -0.58 11.17
N LEU A 109 -1.84 -0.05 12.09
CA LEU A 109 -0.91 1.02 11.74
C LEU A 109 0.07 0.57 10.68
N LYS A 110 0.58 -0.66 10.80
CA LYS A 110 1.55 -1.17 9.83
C LYS A 110 0.93 -1.33 8.45
N LYS A 111 -0.32 -1.81 8.39
CA LYS A 111 -1.01 -1.94 7.11
C LYS A 111 -1.22 -0.58 6.47
N ALA A 112 -1.73 0.38 7.24
CA ALA A 112 -2.03 1.71 6.72
C ALA A 112 -0.79 2.56 6.50
N GLN A 113 0.35 2.17 7.08
CA GLN A 113 1.60 2.94 7.01
C GLN A 113 1.40 4.34 7.60
N LEU A 114 0.93 4.36 8.83
CA LEU A 114 0.82 5.59 9.61
C LEU A 114 1.47 5.36 10.97
N ASP A 115 1.92 6.45 11.59
CA ASP A 115 2.49 6.36 12.93
C ASP A 115 1.42 6.33 14.01
N TYR A 116 0.23 6.84 13.72
CA TYR A 116 -0.84 6.92 14.70
C TYR A 116 -2.16 6.97 13.96
N VAL A 117 -3.23 6.64 14.68
CA VAL A 117 -4.59 6.88 14.24
C VAL A 117 -5.15 8.01 15.08
N ASP A 118 -5.97 8.86 14.45
CA ASP A 118 -6.63 9.91 15.22
C ASP A 118 -7.68 9.34 16.16
N LEU A 119 -8.23 8.17 15.83
CA LEU A 119 -9.28 7.56 16.63
C LEU A 119 -9.22 6.03 16.48
N TYR A 120 -9.23 5.34 17.62
CA TYR A 120 -9.32 3.88 17.67
C TYR A 120 -10.57 3.52 18.47
N LEU A 121 -11.43 2.68 17.88
CA LEU A 121 -12.70 2.34 18.49
C LEU A 121 -12.77 0.84 18.78
N ILE A 122 -13.45 0.50 19.87
CA ILE A 122 -13.98 -0.85 20.02
C ILE A 122 -15.15 -0.98 19.05
N HIS A 123 -15.00 -1.86 18.05
CA HIS A 123 -15.96 -1.91 16.95
C HIS A 123 -17.35 -2.35 17.41
N SER A 124 -17.42 -3.20 18.42
CA SER A 124 -18.68 -3.77 18.85
C SER A 124 -18.53 -4.37 20.23
N PRO A 125 -19.56 -4.35 21.08
CA PRO A 125 -19.44 -4.98 22.40
C PRO A 125 -19.56 -6.49 22.40
N MET A 126 -19.92 -7.10 21.26
CA MET A 126 -20.19 -8.52 21.19
C MET A 126 -18.88 -9.25 20.87
N SER A 127 -18.23 -9.76 21.91
CA SER A 127 -16.93 -10.41 21.75
C SER A 127 -17.06 -11.74 21.04
N LEU A 128 -16.05 -12.07 20.23
CA LEU A 128 -16.02 -13.30 19.47
C LEU A 128 -14.72 -14.05 19.76
N LYS A 129 -14.70 -15.32 19.37
CA LYS A 129 -13.57 -16.20 19.66
C LYS A 129 -12.29 -15.65 19.03
N PRO A 130 -11.19 -15.56 19.77
CA PRO A 130 -9.94 -15.09 19.18
C PRO A 130 -9.42 -16.06 18.14
N GLY A 131 -8.76 -15.52 17.12
CA GLY A 131 -8.19 -16.33 16.07
C GLY A 131 -8.04 -15.52 14.80
N GLU A 132 -7.81 -16.24 13.70
CA GLU A 132 -7.53 -15.60 12.42
C GLU A 132 -8.80 -15.23 11.67
N GLU A 133 -9.93 -15.85 11.97
CA GLU A 133 -11.17 -15.59 11.26
C GLU A 133 -11.90 -14.40 11.85
N LEU A 134 -12.44 -13.55 10.98
CA LEU A 134 -13.26 -12.43 11.45
C LEU A 134 -14.55 -12.95 12.09
N SER A 135 -15.11 -14.03 11.54
CA SER A 135 -16.37 -14.61 12.02
C SER A 135 -16.12 -16.08 12.33
N PRO A 136 -15.52 -16.39 13.48
CA PRO A 136 -15.27 -17.79 13.83
C PRO A 136 -16.57 -18.56 13.98
N THR A 137 -16.65 -19.69 13.29
CA THR A 137 -17.88 -20.46 13.17
C THR A 137 -17.60 -21.90 13.59
N ASP A 138 -18.48 -22.48 14.41
CA ASP A 138 -18.23 -23.80 14.94
C ASP A 138 -18.74 -24.88 13.98
N GLU A 139 -18.63 -26.14 14.41
CA GLU A 139 -19.01 -27.27 13.57
C GLU A 139 -20.49 -27.28 13.21
N ASN A 140 -21.32 -26.53 13.96
CA ASN A 140 -22.74 -26.47 13.70
C ASN A 140 -23.15 -25.23 12.91
N GLY A 141 -22.19 -24.50 12.35
CA GLY A 141 -22.48 -23.31 11.58
C GLY A 141 -22.79 -22.08 12.39
N LYS A 142 -22.56 -22.11 13.71
CA LYS A 142 -22.88 -20.99 14.58
C LYS A 142 -21.62 -20.19 14.91
N VAL A 143 -21.77 -18.86 14.90
CA VAL A 143 -20.67 -18.00 15.30
C VAL A 143 -20.34 -18.25 16.77
N ILE A 144 -19.04 -18.26 17.09
CA ILE A 144 -18.56 -18.63 18.41
C ILE A 144 -18.32 -17.36 19.22
N PHE A 145 -19.13 -17.17 20.25
CA PHE A 145 -19.00 -16.01 21.11
C PHE A 145 -17.85 -16.18 22.10
N ASP A 146 -17.34 -15.05 22.58
CA ASP A 146 -16.37 -15.00 23.65
C ASP A 146 -16.91 -14.12 24.78
N ILE A 147 -16.48 -14.41 26.00
CA ILE A 147 -16.86 -13.62 27.17
C ILE A 147 -15.63 -12.84 27.62
N VAL A 148 -15.71 -11.52 27.53
CA VAL A 148 -14.61 -10.63 27.89
C VAL A 148 -15.17 -9.49 28.73
N ASP A 149 -14.49 -9.17 29.82
CA ASP A 149 -14.78 -7.96 30.58
C ASP A 149 -14.36 -6.76 29.74
N LEU A 150 -15.35 -6.03 29.21
CA LEU A 150 -15.06 -4.91 28.33
C LEU A 150 -14.33 -3.78 29.04
N CYS A 151 -14.37 -3.76 30.38
CA CYS A 151 -13.57 -2.78 31.11
C CYS A 151 -12.08 -3.07 31.00
N THR A 152 -11.71 -4.34 30.84
CA THR A 152 -10.31 -4.69 30.63
C THR A 152 -9.88 -4.39 29.19
N THR A 153 -10.80 -4.58 28.24
CA THR A 153 -10.55 -4.11 26.88
C THR A 153 -10.29 -2.62 26.85
N TRP A 154 -11.10 -1.85 27.58
CA TRP A 154 -10.94 -0.40 27.61
C TRP A 154 -9.61 -0.01 28.23
N GLU A 155 -9.21 -0.68 29.31
CA GLU A 155 -7.93 -0.38 29.94
C GLU A 155 -6.78 -0.56 28.95
N ALA A 156 -6.87 -1.60 28.11
CA ALA A 156 -5.86 -1.78 27.07
C ALA A 156 -5.97 -0.71 25.99
N MET A 157 -7.19 -0.27 25.68
CA MET A 157 -7.35 0.85 24.75
C MET A 157 -6.73 2.12 25.31
N GLU A 158 -6.88 2.35 26.61
CA GLU A 158 -6.32 3.55 27.24
C GLU A 158 -4.81 3.58 27.11
N LYS A 159 -4.16 2.41 27.22
CA LYS A 159 -2.71 2.38 27.09
C LYS A 159 -2.27 2.66 25.66
N CYS A 160 -3.15 2.40 24.69
CA CYS A 160 -2.85 2.80 23.31
C CYS A 160 -2.84 4.32 23.18
N LYS A 161 -3.75 5.01 23.86
CA LYS A 161 -3.69 6.47 23.90
C LYS A 161 -2.48 6.96 24.68
N ASP A 162 -2.18 6.32 25.81
CA ASP A 162 -1.00 6.65 26.60
C ASP A 162 0.25 6.67 25.72
N ALA A 163 0.44 5.62 24.92
CA ALA A 163 1.63 5.50 24.08
C ALA A 163 1.59 6.39 22.85
N GLY A 164 0.48 7.08 22.59
CA GLY A 164 0.38 7.95 21.44
C GLY A 164 0.09 7.26 20.13
N LEU A 165 -0.22 5.96 20.15
CA LEU A 165 -0.60 5.26 18.92
C LEU A 165 -2.00 5.63 18.46
N ALA A 166 -2.85 6.10 19.38
CA ALA A 166 -4.16 6.63 19.06
C ALA A 166 -4.34 7.94 19.79
N LYS A 167 -4.62 9.01 19.04
CA LYS A 167 -4.83 10.31 19.67
C LYS A 167 -6.08 10.30 20.54
N SER A 168 -7.13 9.61 20.11
CA SER A 168 -8.37 9.50 20.85
C SER A 168 -8.87 8.06 20.79
N ILE A 169 -9.65 7.68 21.79
CA ILE A 169 -10.26 6.35 21.82
C ILE A 169 -11.75 6.50 22.12
N GLY A 170 -12.52 5.61 21.52
CA GLY A 170 -13.96 5.59 21.74
C GLY A 170 -14.50 4.21 21.51
N VAL A 171 -15.82 4.13 21.36
CA VAL A 171 -16.53 2.86 21.23
C VAL A 171 -17.48 2.94 20.04
N SER A 172 -18.12 1.81 19.74
CA SER A 172 -19.04 1.69 18.62
C SER A 172 -20.07 0.62 18.94
N ASN A 173 -21.33 0.93 18.64
CA ASN A 173 -22.46 0.01 18.84
C ASN A 173 -22.72 -0.30 20.31
N PHE A 174 -22.34 0.61 21.20
CA PHE A 174 -22.62 0.49 22.62
C PHE A 174 -24.00 1.09 22.93
N ASN A 175 -24.72 0.46 23.87
CA ASN A 175 -25.95 1.05 24.39
C ASN A 175 -25.65 1.79 25.70
N ARG A 176 -26.69 2.33 26.31
CA ARG A 176 -26.51 3.15 27.50
C ARG A 176 -25.91 2.34 28.65
N ARG A 177 -26.40 1.11 28.86
CA ARG A 177 -25.87 0.21 29.88
C ARG A 177 -24.38 -0.03 29.67
N GLN A 178 -24.01 -0.26 28.43
CA GLN A 178 -22.61 -0.57 28.04
C GLN A 178 -21.71 0.65 28.24
N LEU A 179 -22.19 1.84 27.89
CA LEU A 179 -21.45 3.10 28.08
C LEU A 179 -21.23 3.33 29.58
N GLU A 180 -22.26 3.13 30.39
CA GLU A 180 -22.22 3.34 31.86
C GLU A 180 -21.16 2.40 32.48
N MET A 181 -21.10 1.18 31.98
CA MET A 181 -20.07 0.20 32.43
C MET A 181 -18.67 0.81 32.29
N ILE A 182 -18.38 1.51 31.20
CA ILE A 182 -17.03 2.08 31.04
C ILE A 182 -16.92 3.38 31.85
N LEU A 183 -17.98 4.19 31.83
CA LEU A 183 -17.90 5.49 32.50
C LEU A 183 -17.78 5.34 34.02
N ASN A 184 -18.33 4.27 34.58
CA ASN A 184 -18.30 4.03 36.01
C ASN A 184 -17.18 3.07 36.43
N LYS A 185 -16.27 2.74 35.51
CA LYS A 185 -15.17 1.86 35.83
C LYS A 185 -14.24 2.53 36.84
N PRO A 186 -13.83 1.85 37.90
CA PRO A 186 -12.90 2.45 38.86
C PRO A 186 -11.53 2.69 38.22
N GLY A 187 -10.97 3.86 38.48
CA GLY A 187 -9.70 4.22 37.91
C GLY A 187 -9.76 4.61 36.44
N LEU A 188 -10.92 5.01 35.94
CA LEU A 188 -11.06 5.38 34.54
C LEU A 188 -10.12 6.51 34.19
N LYS A 189 -9.32 6.32 33.14
CA LYS A 189 -8.35 7.32 32.72
C LYS A 189 -8.89 8.22 31.62
N TYR A 190 -9.54 7.65 30.61
CA TYR A 190 -10.13 8.43 29.52
C TYR A 190 -11.55 7.95 29.28
N LYS A 191 -12.48 8.90 29.21
CA LYS A 191 -13.82 8.58 28.74
C LYS A 191 -13.77 8.30 27.24
N PRO A 192 -14.70 7.51 26.72
CA PRO A 192 -14.85 7.42 25.26
C PRO A 192 -15.18 8.79 24.69
N VAL A 193 -14.46 9.18 23.65
CA VAL A 193 -14.77 10.46 23.02
C VAL A 193 -16.02 10.35 22.15
N CYS A 194 -16.41 9.15 21.76
CA CYS A 194 -17.53 9.00 20.85
C CYS A 194 -18.12 7.60 20.97
N ASN A 195 -19.35 7.48 20.47
CA ASN A 195 -20.04 6.20 20.31
C ASN A 195 -20.58 6.16 18.89
N GLN A 196 -19.94 5.38 18.02
CA GLN A 196 -20.38 5.29 16.62
C GLN A 196 -21.49 4.25 16.53
N VAL A 197 -22.69 4.71 16.18
CA VAL A 197 -23.88 3.87 16.18
C VAL A 197 -24.65 4.07 14.89
N GLU A 198 -25.52 3.11 14.57
CA GLU A 198 -26.46 3.29 13.48
C GLU A 198 -27.45 4.39 13.85
N CYS A 199 -27.56 5.40 13.00
CA CYS A 199 -28.42 6.54 13.30
C CYS A 199 -28.83 7.20 11.99
N HIS A 200 -30.14 7.37 11.81
CA HIS A 200 -30.74 7.93 10.61
C HIS A 200 -32.20 8.28 10.92
N PRO A 201 -32.93 8.94 10.01
CA PRO A 201 -34.31 9.36 10.34
C PRO A 201 -35.24 8.23 10.76
N TYR A 202 -35.02 7.00 10.30
CA TYR A 202 -35.87 5.90 10.75
C TYR A 202 -35.46 5.33 12.10
N PHE A 203 -34.24 5.65 12.55
CA PHE A 203 -33.71 5.17 13.83
C PHE A 203 -32.74 6.26 14.31
N ASN A 204 -33.27 7.24 15.05
CA ASN A 204 -32.53 8.48 15.25
C ASN A 204 -31.85 8.57 16.62
N ARG A 205 -32.04 7.58 17.49
CA ARG A 205 -31.27 7.45 18.73
C ARG A 205 -31.37 8.71 19.60
N SER A 206 -32.55 9.32 19.63
CA SER A 206 -32.69 10.60 20.33
C SER A 206 -32.38 10.46 21.82
N LYS A 207 -32.76 9.35 22.43
CA LYS A 207 -32.49 9.17 23.85
C LYS A 207 -31.01 8.84 24.09
N LEU A 208 -30.43 7.98 23.25
CA LEU A 208 -29.00 7.70 23.36
C LEU A 208 -28.17 8.94 23.07
N LEU A 209 -28.58 9.73 22.08
CA LEU A 209 -27.89 10.99 21.80
C LEU A 209 -27.95 11.93 23.00
N ASP A 210 -29.13 12.05 23.61
CA ASP A 210 -29.27 12.87 24.81
C ASP A 210 -28.34 12.40 25.91
N PHE A 211 -28.25 11.09 26.12
CA PHE A 211 -27.34 10.55 27.14
C PHE A 211 -25.89 10.87 26.80
N CYS A 212 -25.51 10.70 25.53
CA CYS A 212 -24.12 10.97 25.15
C CYS A 212 -23.77 12.44 25.31
N LYS A 213 -24.71 13.33 25.01
CA LYS A 213 -24.48 14.75 25.22
C LYS A 213 -24.27 15.06 26.70
N SER A 214 -25.07 14.43 27.57
CA SER A 214 -24.93 14.62 29.00
C SER A 214 -23.58 14.18 29.52
N LYS A 215 -22.87 13.32 28.79
CA LYS A 215 -21.60 12.76 29.24
C LYS A 215 -20.40 13.27 28.45
N ASP A 216 -20.60 14.28 27.59
CA ASP A 216 -19.53 14.84 26.76
C ASP A 216 -19.00 13.82 25.75
N ILE A 217 -19.88 12.95 25.25
CA ILE A 217 -19.53 11.92 24.27
C ILE A 217 -20.21 12.26 22.96
N VAL A 218 -19.44 12.26 21.87
CA VAL A 218 -19.98 12.57 20.56
C VAL A 218 -20.66 11.33 20.00
N LEU A 219 -21.86 11.51 19.45
CA LEU A 219 -22.52 10.44 18.72
C LEU A 219 -22.15 10.55 17.24
N VAL A 220 -21.58 9.48 16.69
CA VAL A 220 -21.21 9.43 15.28
C VAL A 220 -22.14 8.46 14.59
N ALA A 221 -22.84 8.93 13.56
CA ALA A 221 -23.87 8.14 12.90
C ALA A 221 -23.31 7.43 11.68
N TYR A 222 -23.49 6.11 11.64
CA TYR A 222 -23.27 5.34 10.43
C TYR A 222 -24.61 4.88 9.88
N SER A 223 -24.59 4.44 8.62
CA SER A 223 -25.81 4.13 7.88
C SER A 223 -26.76 5.32 7.85
N ALA A 224 -26.21 6.53 7.93
CA ALA A 224 -27.03 7.74 7.95
C ALA A 224 -27.77 7.96 6.63
N LEU A 225 -27.35 7.26 5.57
CA LEU A 225 -28.02 7.37 4.25
C LEU A 225 -28.94 6.15 4.03
N GLY A 226 -29.22 5.39 5.08
CA GLY A 226 -30.15 4.24 4.99
C GLY A 226 -29.48 2.89 4.79
N SER A 227 -28.13 2.86 4.81
CA SER A 227 -27.21 1.69 4.67
C SER A 227 -27.00 1.31 3.21
N GLN A 228 -26.16 0.30 3.00
CA GLN A 228 -25.86 -0.20 1.65
C GLN A 228 -26.90 -1.26 1.27
N ARG A 229 -27.80 -1.59 2.20
CA ARG A 229 -28.88 -2.59 1.97
C ARG A 229 -28.22 -3.87 1.45
N ASP A 230 -27.16 -4.30 2.13
CA ASP A 230 -26.45 -5.51 1.70
C ASP A 230 -27.47 -6.65 1.67
N LYS A 231 -27.42 -7.45 0.61
CA LYS A 231 -28.36 -8.56 0.38
C LYS A 231 -28.26 -9.59 1.52
N ARG A 232 -27.06 -9.80 2.08
CA ARG A 232 -26.81 -10.70 3.23
C ARG A 232 -27.60 -10.28 4.47
N TRP A 233 -27.56 -9.02 4.92
CA TRP A 233 -28.25 -8.66 6.18
C TRP A 233 -29.58 -7.95 5.93
N VAL A 234 -29.52 -6.80 5.28
CA VAL A 234 -30.72 -5.92 5.21
C VAL A 234 -31.89 -6.67 4.57
N ASP A 235 -33.05 -6.53 5.19
CA ASP A 235 -34.30 -7.10 4.64
C ASP A 235 -34.61 -6.31 3.37
N PRO A 236 -34.89 -6.94 2.22
CA PRO A 236 -35.21 -6.21 1.01
C PRO A 236 -36.51 -5.40 1.14
N ASN A 237 -37.46 -5.87 1.94
CA ASN A 237 -38.75 -5.16 2.18
C ASN A 237 -38.56 -4.05 3.20
N SER A 238 -37.36 -3.90 3.82
CA SER A 238 -37.18 -2.75 4.70
C SER A 238 -37.30 -1.46 3.90
N PRO A 239 -37.83 -0.40 4.51
CA PRO A 239 -38.00 0.85 3.77
C PRO A 239 -36.66 1.42 3.30
N VAL A 240 -36.69 2.06 2.14
CA VAL A 240 -35.52 2.70 1.56
C VAL A 240 -35.50 4.14 2.04
N LEU A 241 -34.46 4.50 2.80
CA LEU A 241 -34.42 5.83 3.43
C LEU A 241 -34.38 6.94 2.39
N LEU A 242 -33.53 6.81 1.37
CA LEU A 242 -33.34 7.90 0.42
C LEU A 242 -34.51 8.06 -0.54
N GLU A 243 -35.47 7.13 -0.55
CA GLU A 243 -36.69 7.27 -1.33
C GLU A 243 -37.86 7.76 -0.47
N ASP A 244 -37.59 8.23 0.75
CA ASP A 244 -38.66 8.60 1.66
C ASP A 244 -39.35 9.87 1.16
N PRO A 245 -40.69 9.91 1.23
CA PRO A 245 -41.41 11.08 0.70
C PRO A 245 -41.02 12.39 1.38
N VAL A 246 -40.86 12.39 2.70
CA VAL A 246 -40.59 13.63 3.42
C VAL A 246 -39.21 14.17 3.06
N LEU A 247 -38.21 13.29 3.01
CA LEU A 247 -36.87 13.73 2.60
C LEU A 247 -36.86 14.24 1.17
N CYS A 248 -37.69 13.65 0.30
CA CYS A 248 -37.78 14.12 -1.09
C CYS A 248 -38.47 15.48 -1.16
N ALA A 249 -39.50 15.68 -0.35
CA ALA A 249 -40.17 16.98 -0.33
C ALA A 249 -39.21 18.09 0.12
N LEU A 250 -38.41 17.81 1.15
CA LEU A 250 -37.44 18.80 1.62
C LEU A 250 -36.33 19.00 0.60
N ALA A 251 -35.94 17.93 -0.10
CA ALA A 251 -34.91 18.07 -1.13
C ALA A 251 -35.37 18.99 -2.25
N LYS A 252 -36.63 18.87 -2.67
CA LYS A 252 -37.17 19.80 -3.66
C LYS A 252 -37.27 21.21 -3.10
N LYS A 253 -37.70 21.35 -1.83
CA LYS A 253 -37.82 22.67 -1.23
C LYS A 253 -36.50 23.41 -1.21
N HIS A 254 -35.41 22.71 -0.90
CA HIS A 254 -34.10 23.32 -0.75
C HIS A 254 -33.23 23.21 -1.99
N LYS A 255 -33.76 22.65 -3.08
CA LYS A 255 -32.96 22.37 -4.28
C LYS A 255 -31.71 21.59 -3.90
N ARG A 256 -31.92 20.48 -3.19
CA ARG A 256 -30.85 19.59 -2.76
C ARG A 256 -31.28 18.16 -3.04
N THR A 257 -30.58 17.18 -2.48
CA THR A 257 -30.92 15.78 -2.67
C THR A 257 -31.35 15.16 -1.35
N PRO A 258 -32.07 14.03 -1.38
CA PRO A 258 -32.43 13.37 -0.12
C PRO A 258 -31.25 13.04 0.76
N ALA A 259 -30.15 12.56 0.17
CA ALA A 259 -28.95 12.25 0.95
C ALA A 259 -28.45 13.48 1.70
N LEU A 260 -28.45 14.64 1.03
CA LEU A 260 -27.97 15.85 1.68
C LEU A 260 -28.90 16.29 2.80
N ILE A 261 -30.20 16.05 2.67
CA ILE A 261 -31.13 16.35 3.75
C ILE A 261 -30.86 15.45 4.95
N ALA A 262 -30.61 14.16 4.69
CA ALA A 262 -30.32 13.23 5.78
C ALA A 262 -29.04 13.62 6.50
N LEU A 263 -28.00 14.00 5.76
CA LEU A 263 -26.74 14.39 6.38
C LEU A 263 -26.90 15.68 7.17
N ARG A 264 -27.52 16.70 6.57
CA ARG A 264 -27.72 17.97 7.26
C ARG A 264 -28.53 17.78 8.54
N TYR A 265 -29.50 16.88 8.51
CA TYR A 265 -30.31 16.57 9.69
C TYR A 265 -29.44 16.22 10.88
N GLN A 266 -28.45 15.35 10.67
CA GLN A 266 -27.58 14.94 11.77
C GLN A 266 -26.70 16.08 12.25
N LEU A 267 -26.15 16.87 11.31
CA LEU A 267 -25.28 17.97 11.70
C LEU A 267 -26.00 18.98 12.58
N GLN A 268 -27.27 19.26 12.28
CA GLN A 268 -28.00 20.28 13.02
C GLN A 268 -28.48 19.80 14.38
N ARG A 269 -28.51 18.48 14.62
CA ARG A 269 -28.81 17.95 15.94
C ARG A 269 -27.55 17.58 16.72
N GLY A 270 -26.38 18.01 16.25
CA GLY A 270 -25.15 17.79 17.00
C GLY A 270 -24.50 16.45 16.79
N VAL A 271 -24.87 15.72 15.74
CA VAL A 271 -24.35 14.39 15.47
C VAL A 271 -23.29 14.48 14.38
N VAL A 272 -22.12 13.91 14.64
CA VAL A 272 -21.14 13.71 13.58
C VAL A 272 -21.63 12.60 12.67
N VAL A 273 -21.52 12.80 11.36
CA VAL A 273 -22.19 11.95 10.39
C VAL A 273 -21.16 11.41 9.40
N LEU A 274 -21.20 10.10 9.18
CA LEU A 274 -20.42 9.45 8.13
C LEU A 274 -21.27 9.29 6.88
N ALA A 275 -20.60 9.18 5.74
CA ALA A 275 -21.28 9.02 4.46
C ALA A 275 -20.39 8.21 3.54
N LYS A 276 -20.81 6.98 3.24
CA LYS A 276 -20.08 6.12 2.32
C LYS A 276 -20.59 6.35 0.90
N SER A 277 -19.66 6.52 -0.03
CA SER A 277 -19.95 6.47 -1.45
C SER A 277 -18.69 6.06 -2.18
N TYR A 278 -18.84 5.16 -3.14
CA TYR A 278 -17.77 4.80 -4.06
C TYR A 278 -18.01 5.36 -5.45
N ASN A 279 -18.82 6.41 -5.55
CA ASN A 279 -19.19 7.04 -6.80
C ASN A 279 -18.72 8.49 -6.77
N GLU A 280 -17.88 8.87 -7.74
CA GLU A 280 -17.20 10.16 -7.70
C GLU A 280 -18.18 11.31 -7.54
N GLN A 281 -19.26 11.30 -8.31
CA GLN A 281 -20.20 12.41 -8.29
C GLN A 281 -20.95 12.50 -6.97
N ARG A 282 -21.30 11.36 -6.38
CA ARG A 282 -22.00 11.38 -5.10
C ARG A 282 -21.05 11.72 -3.96
N ILE A 283 -19.78 11.30 -4.05
CA ILE A 283 -18.79 11.71 -3.06
C ILE A 283 -18.68 13.24 -3.02
N ARG A 284 -18.51 13.85 -4.19
CA ARG A 284 -18.36 15.30 -4.26
C ARG A 284 -19.64 16.03 -3.88
N GLN A 285 -20.80 15.44 -4.18
CA GLN A 285 -22.07 16.05 -3.80
C GLN A 285 -22.24 16.10 -2.28
N ASN A 286 -21.71 15.10 -1.57
CA ASN A 286 -22.01 14.97 -0.15
C ASN A 286 -21.38 16.08 0.69
N VAL A 287 -20.28 16.67 0.22
CA VAL A 287 -19.68 17.78 0.97
C VAL A 287 -20.46 19.08 0.84
N GLN A 288 -21.50 19.10 0.00
CA GLN A 288 -22.40 20.25 -0.08
C GLN A 288 -23.34 20.33 1.12
N VAL A 289 -23.22 19.41 2.07
CA VAL A 289 -24.03 19.45 3.29
C VAL A 289 -23.83 20.77 4.04
N PHE A 290 -22.67 21.40 3.85
CA PHE A 290 -22.35 22.63 4.54
C PHE A 290 -22.94 23.87 3.89
N GLU A 291 -23.57 23.73 2.73
CA GLU A 291 -23.99 24.86 1.92
C GLU A 291 -25.42 25.33 2.21
N PHE A 292 -26.16 24.62 3.07
CA PHE A 292 -27.54 25.00 3.32
C PHE A 292 -27.92 24.61 4.75
N GLN A 293 -29.09 25.07 5.15
CA GLN A 293 -29.59 24.93 6.52
C GLN A 293 -31.04 24.50 6.47
N LEU A 294 -31.43 23.62 7.39
CA LEU A 294 -32.81 23.19 7.53
C LEU A 294 -33.50 24.04 8.60
N THR A 295 -34.79 24.28 8.39
CA THR A 295 -35.54 25.06 9.35
C THR A 295 -35.95 24.20 10.54
N ALA A 296 -36.42 24.87 11.60
CA ALA A 296 -36.90 24.14 12.77
C ALA A 296 -38.06 23.22 12.40
N GLU A 297 -38.96 23.70 11.53
CA GLU A 297 -40.05 22.84 11.07
C GLU A 297 -39.53 21.69 10.23
N ASP A 298 -38.49 21.93 9.42
CA ASP A 298 -37.85 20.84 8.68
C ASP A 298 -37.37 19.75 9.63
N MET A 299 -36.69 20.14 10.70
CA MET A 299 -36.14 19.17 11.64
C MET A 299 -37.24 18.38 12.33
N LYS A 300 -38.35 19.04 12.67
CA LYS A 300 -39.47 18.33 13.31
C LYS A 300 -40.08 17.31 12.36
N ALA A 301 -40.15 17.65 11.07
CA ALA A 301 -40.68 16.70 10.10
C ALA A 301 -39.80 15.46 9.99
N ILE A 302 -38.48 15.64 10.03
CA ILE A 302 -37.57 14.51 9.96
C ILE A 302 -37.62 13.70 11.26
N ASP A 303 -37.76 14.38 12.39
CA ASP A 303 -37.90 13.68 13.67
C ASP A 303 -39.10 12.74 13.65
N GLY A 304 -40.16 13.10 12.94
CA GLY A 304 -41.35 12.27 12.87
C GLY A 304 -41.22 11.00 12.07
N LEU A 305 -40.08 10.80 11.40
CA LEU A 305 -39.84 9.57 10.65
C LEU A 305 -39.38 8.42 11.53
N ASP A 306 -39.08 8.68 12.81
CA ASP A 306 -38.49 7.69 13.70
C ASP A 306 -39.43 6.50 13.90
N ARG A 307 -38.97 5.29 13.60
CA ARG A 307 -39.83 4.09 13.73
C ARG A 307 -39.05 2.87 14.27
N ASN A 308 -37.94 3.09 14.97
CA ASN A 308 -37.15 1.99 15.57
C ASN A 308 -36.79 0.92 14.51
N LEU A 309 -36.37 1.34 13.33
CA LEU A 309 -35.96 0.36 12.30
C LEU A 309 -34.42 0.31 12.24
N HIS A 310 -33.82 -0.84 12.51
CA HIS A 310 -32.35 -0.89 12.31
C HIS A 310 -32.05 -1.73 11.07
N TYR A 311 -31.19 -1.20 10.19
CA TYR A 311 -30.85 -1.94 8.98
C TYR A 311 -29.91 -3.10 9.28
N PHE A 312 -29.17 -3.06 10.39
CA PHE A 312 -28.46 -4.28 10.83
C PHE A 312 -29.48 -5.26 11.39
N ASN A 313 -29.51 -6.46 10.84
CA ASN A 313 -30.50 -7.46 11.30
C ASN A 313 -29.78 -8.80 11.44
N SER A 314 -29.73 -9.37 12.64
CA SER A 314 -29.08 -10.71 12.70
C SER A 314 -29.71 -11.59 13.77
N ASP A 315 -30.23 -12.75 13.37
CA ASP A 315 -30.80 -13.74 14.33
C ASP A 315 -29.68 -14.25 15.23
N SER A 316 -28.51 -14.49 14.64
CA SER A 316 -27.35 -15.08 15.33
C SER A 316 -26.84 -14.21 16.47
N PHE A 317 -26.68 -12.89 16.27
CA PHE A 317 -26.07 -12.06 17.34
C PHE A 317 -27.14 -11.62 18.32
N ALA A 318 -28.39 -11.73 17.89
CA ALA A 318 -29.44 -11.34 18.81
C ALA A 318 -29.36 -12.08 20.15
N SER A 319 -28.66 -13.21 20.19
CA SER A 319 -28.53 -14.01 21.40
C SER A 319 -27.24 -13.72 22.17
N HIS A 320 -26.35 -12.89 21.64
CA HIS A 320 -25.13 -12.56 22.35
C HIS A 320 -25.46 -11.86 23.67
N PRO A 321 -24.72 -12.15 24.75
CA PRO A 321 -24.98 -11.44 26.01
C PRO A 321 -24.83 -9.93 25.90
N ASN A 322 -24.05 -9.45 24.93
CA ASN A 322 -23.77 -8.03 24.76
C ASN A 322 -24.51 -7.43 23.58
N TYR A 323 -25.49 -8.13 23.02
CA TYR A 323 -26.34 -7.57 21.98
C TYR A 323 -26.89 -6.22 22.43
N PRO A 324 -26.66 -5.14 21.69
CA PRO A 324 -26.95 -3.80 22.23
C PRO A 324 -28.39 -3.37 22.10
N TYR A 325 -29.11 -3.98 21.15
CA TYR A 325 -30.53 -3.69 20.90
C TYR A 325 -31.36 -4.70 21.70
N GLN B 12 26.23 10.64 -17.58
CA GLN B 12 26.09 10.96 -16.15
C GLN B 12 26.23 9.70 -15.29
N CYS B 13 27.02 9.80 -14.22
CA CYS B 13 27.26 8.66 -13.36
C CYS B 13 27.05 9.05 -11.90
N VAL B 14 26.89 8.03 -11.06
CA VAL B 14 26.87 8.18 -9.62
C VAL B 14 28.08 7.46 -9.05
N LYS B 15 28.73 8.07 -8.06
CA LYS B 15 29.87 7.44 -7.41
C LYS B 15 29.38 6.42 -6.39
N LEU B 16 29.80 5.17 -6.55
CA LEU B 16 29.43 4.12 -5.62
C LEU B 16 30.28 4.20 -4.36
N ASN B 17 29.83 3.51 -3.31
CA ASN B 17 30.52 3.60 -2.03
C ASN B 17 31.88 2.90 -2.04
N ASP B 18 32.26 2.22 -3.12
CA ASP B 18 33.56 1.59 -3.23
C ASP B 18 34.50 2.38 -4.14
N GLY B 19 34.10 3.55 -4.61
CA GLY B 19 34.92 4.39 -5.45
C GLY B 19 34.60 4.32 -6.93
N HIS B 20 33.92 3.26 -7.38
CA HIS B 20 33.60 3.11 -8.79
C HIS B 20 32.39 3.97 -9.16
N PHE B 21 32.22 4.15 -10.47
CA PHE B 21 31.15 4.98 -11.01
C PHE B 21 30.20 4.12 -11.82
N MET B 22 28.90 4.45 -11.75
CA MET B 22 27.86 3.70 -12.43
C MET B 22 27.02 4.67 -13.24
N PRO B 23 26.86 4.48 -14.55
CA PRO B 23 25.94 5.32 -15.32
C PRO B 23 24.53 5.23 -14.76
N VAL B 24 23.87 6.39 -14.69
CA VAL B 24 22.56 6.47 -14.05
C VAL B 24 21.44 5.89 -14.89
N LEU B 25 21.68 5.68 -16.19
CA LEU B 25 20.71 5.04 -17.06
C LEU B 25 21.30 3.75 -17.60
N GLY B 26 20.56 2.65 -17.41
CA GLY B 26 21.01 1.35 -17.86
C GLY B 26 20.05 0.67 -18.82
N PHE B 27 20.58 -0.26 -19.62
CA PHE B 27 19.78 -0.99 -20.59
C PHE B 27 19.47 -2.37 -20.02
N GLY B 28 18.17 -2.68 -19.91
CA GLY B 28 17.74 -3.98 -19.44
C GLY B 28 17.66 -4.95 -20.60
N THR B 29 18.22 -6.14 -20.40
CA THR B 29 18.37 -7.10 -21.49
C THR B 29 17.42 -8.29 -21.41
N TYR B 30 16.67 -8.46 -20.33
CA TYR B 30 15.81 -9.63 -20.24
C TYR B 30 14.66 -9.55 -21.24
N ALA B 31 14.49 -10.62 -21.99
CA ALA B 31 13.33 -10.85 -22.84
C ALA B 31 12.75 -12.21 -22.51
N PRO B 32 11.44 -12.41 -22.69
CA PRO B 32 10.85 -13.73 -22.45
C PRO B 32 11.43 -14.75 -23.41
N PRO B 33 11.43 -16.04 -23.04
CA PRO B 33 12.18 -17.03 -23.81
C PRO B 33 11.63 -17.29 -25.21
N GLU B 34 10.40 -16.86 -25.52
CA GLU B 34 9.92 -17.00 -26.89
C GLU B 34 10.49 -15.93 -27.82
N VAL B 35 11.23 -14.99 -27.26
CA VAL B 35 11.95 -14.02 -28.12
C VAL B 35 13.22 -14.76 -28.56
N PRO B 36 13.57 -14.82 -29.85
CA PRO B 36 14.77 -15.54 -30.26
C PRO B 36 15.99 -14.85 -29.65
N ARG B 37 17.00 -15.64 -29.29
CA ARG B 37 18.25 -15.18 -28.65
C ARG B 37 19.06 -14.22 -29.52
N SER B 38 18.92 -14.26 -30.83
CA SER B 38 19.60 -13.29 -31.74
C SER B 38 19.17 -11.85 -31.47
N LYS B 39 17.94 -11.62 -31.03
CA LYS B 39 17.38 -10.30 -30.66
C LYS B 39 18.28 -9.61 -29.62
N ALA B 40 18.71 -10.35 -28.60
CA ALA B 40 19.52 -9.77 -27.50
C ALA B 40 20.83 -9.22 -28.08
N LEU B 41 21.44 -9.95 -28.99
CA LEU B 41 22.68 -9.48 -29.64
C LEU B 41 22.38 -8.20 -30.43
N GLU B 42 21.28 -8.19 -31.18
CA GLU B 42 20.97 -7.04 -32.04
C GLU B 42 20.65 -5.80 -31.21
N VAL B 43 19.72 -5.95 -30.26
CA VAL B 43 19.20 -4.85 -29.40
C VAL B 43 20.33 -4.22 -28.57
N THR B 44 21.23 -5.03 -28.08
CA THR B 44 22.30 -4.53 -27.23
C THR B 44 23.30 -3.71 -28.04
N LYS B 45 23.53 -4.07 -29.31
CA LYS B 45 24.28 -3.23 -30.23
C LYS B 45 23.60 -1.88 -30.42
N LEU B 46 22.29 -1.93 -30.70
CA LEU B 46 21.53 -0.69 -30.92
C LEU B 46 21.57 0.20 -29.69
N ALA B 47 21.50 -0.39 -28.49
CA ALA B 47 21.51 0.41 -27.27
C ALA B 47 22.85 1.10 -27.08
N ILE B 48 23.96 0.38 -27.29
CA ILE B 48 25.27 1.01 -27.27
C ILE B 48 25.36 2.09 -28.35
N GLU B 49 24.78 1.81 -29.53
CA GLU B 49 24.74 2.80 -30.59
C GLU B 49 23.89 4.00 -30.20
N ALA B 50 22.85 3.78 -29.39
CA ALA B 50 22.00 4.89 -28.94
C ALA B 50 22.68 5.74 -27.88
N GLY B 51 23.66 5.20 -27.16
CA GLY B 51 24.33 5.93 -26.09
C GLY B 51 24.28 5.24 -24.74
N PHE B 52 23.64 4.09 -24.61
CA PHE B 52 23.70 3.34 -23.36
C PHE B 52 25.12 2.86 -23.10
N ARG B 53 25.57 3.02 -21.87
CA ARG B 53 26.85 2.47 -21.43
C ARG B 53 26.72 1.54 -20.24
N HIS B 54 25.54 1.50 -19.61
CA HIS B 54 25.24 0.60 -18.51
C HIS B 54 24.34 -0.51 -19.06
N ILE B 55 24.80 -1.75 -18.96
CA ILE B 55 24.09 -2.90 -19.53
C ILE B 55 23.88 -3.93 -18.42
N ASP B 56 22.62 -4.33 -18.23
CA ASP B 56 22.20 -5.18 -17.13
C ASP B 56 21.82 -6.56 -17.66
N SER B 57 22.60 -7.57 -17.29
CA SER B 57 22.33 -8.95 -17.66
C SER B 57 22.30 -9.81 -16.40
N ALA B 58 22.15 -11.12 -16.59
CA ALA B 58 22.09 -12.08 -15.50
C ALA B 58 22.13 -13.48 -16.06
N HIS B 59 22.68 -14.41 -15.27
CA HIS B 59 22.65 -15.83 -15.62
C HIS B 59 21.23 -16.31 -15.89
N LEU B 60 20.25 -15.77 -15.15
CA LEU B 60 18.86 -16.16 -15.32
C LEU B 60 18.34 -15.84 -16.72
N TYR B 61 18.87 -14.78 -17.36
CA TYR B 61 18.27 -14.27 -18.57
C TYR B 61 18.62 -15.09 -19.82
N ASN B 62 19.56 -16.02 -19.71
CA ASN B 62 19.97 -16.86 -20.83
C ASN B 62 20.37 -16.01 -22.05
N ASN B 63 21.09 -14.90 -21.78
CA ASN B 63 21.53 -14.05 -22.87
C ASN B 63 22.93 -13.46 -22.70
N GLU B 64 23.70 -13.89 -21.69
CA GLU B 64 25.02 -13.30 -21.47
C GLU B 64 25.95 -13.50 -22.65
N GLU B 65 25.83 -14.63 -23.36
CA GLU B 65 26.63 -14.85 -24.55
C GLU B 65 26.35 -13.79 -25.61
N GLN B 66 25.06 -13.56 -25.90
CA GLN B 66 24.69 -12.59 -26.92
C GLN B 66 25.04 -11.17 -26.48
N VAL B 67 24.78 -10.85 -25.21
CA VAL B 67 25.12 -9.52 -24.69
C VAL B 67 26.63 -9.31 -24.72
N GLY B 68 27.39 -10.35 -24.39
CA GLY B 68 28.83 -10.26 -24.50
C GLY B 68 29.30 -10.11 -25.94
N LEU B 69 28.62 -10.78 -26.87
CA LEU B 69 28.97 -10.62 -28.28
C LEU B 69 28.71 -9.19 -28.76
N ALA B 70 27.60 -8.59 -28.34
CA ALA B 70 27.30 -7.22 -28.75
C ALA B 70 28.35 -6.24 -28.24
N ILE B 71 28.79 -6.42 -26.99
CA ILE B 71 29.83 -5.54 -26.45
C ILE B 71 31.13 -5.73 -27.21
N ARG B 72 31.53 -6.99 -27.44
CA ARG B 72 32.74 -7.26 -28.21
C ARG B 72 32.66 -6.62 -29.59
N SER B 73 31.50 -6.75 -30.26
CA SER B 73 31.34 -6.19 -31.59
C SER B 73 31.49 -4.68 -31.57
N LYS B 74 30.89 -4.00 -30.59
CA LYS B 74 31.01 -2.56 -30.51
C LYS B 74 32.39 -2.10 -30.08
N ILE B 75 33.15 -2.96 -29.40
CA ILE B 75 34.55 -2.66 -29.13
C ILE B 75 35.38 -2.84 -30.40
N ALA B 76 35.07 -3.88 -31.18
CA ALA B 76 35.86 -4.18 -32.37
C ALA B 76 35.69 -3.10 -33.44
N ASP B 77 34.48 -2.59 -33.65
CA ASP B 77 34.29 -1.56 -34.65
C ASP B 77 34.67 -0.17 -34.15
N GLY B 78 35.26 -0.10 -32.95
CA GLY B 78 35.80 1.14 -32.38
C GLY B 78 34.82 2.14 -31.79
N SER B 79 33.56 1.78 -31.66
CA SER B 79 32.55 2.71 -31.09
C SER B 79 32.82 2.99 -29.60
N VAL B 80 33.29 1.99 -28.87
CA VAL B 80 33.53 2.11 -27.41
C VAL B 80 34.73 1.26 -27.03
N LYS B 81 35.23 1.50 -25.85
CA LYS B 81 36.27 0.67 -25.21
C LYS B 81 35.61 -0.09 -24.06
N ARG B 82 36.22 -1.20 -23.65
CA ARG B 82 35.69 -2.02 -22.56
C ARG B 82 35.50 -1.21 -21.29
N GLU B 83 36.42 -0.27 -21.02
CA GLU B 83 36.31 0.59 -19.85
C GLU B 83 35.19 1.62 -19.99
N ASP B 84 34.66 1.84 -21.18
CA ASP B 84 33.51 2.71 -21.36
C ASP B 84 32.19 2.02 -21.02
N ILE B 85 32.19 0.70 -20.86
CA ILE B 85 30.97 -0.09 -20.67
C ILE B 85 30.89 -0.53 -19.23
N PHE B 86 29.73 -0.34 -18.62
CA PHE B 86 29.41 -0.86 -17.29
C PHE B 86 28.52 -2.08 -17.48
N TYR B 87 29.07 -3.26 -17.23
CA TYR B 87 28.36 -4.51 -17.45
C TYR B 87 28.01 -5.15 -16.12
N THR B 88 26.73 -5.48 -15.94
CA THR B 88 26.23 -6.15 -14.74
C THR B 88 25.83 -7.58 -15.06
N SER B 89 26.25 -8.50 -14.21
CA SER B 89 25.70 -9.85 -14.19
C SER B 89 25.23 -10.15 -12.77
N LYS B 90 24.51 -11.26 -12.62
CA LYS B 90 23.85 -11.57 -11.36
C LYS B 90 24.00 -13.04 -11.02
N LEU B 91 24.31 -13.31 -9.76
CA LEU B 91 24.40 -14.68 -9.25
C LEU B 91 23.00 -15.25 -9.07
N TRP B 92 22.70 -16.37 -9.72
CA TRP B 92 21.36 -16.91 -9.58
C TRP B 92 21.21 -17.68 -8.27
N SER B 93 19.95 -17.82 -7.84
CA SER B 93 19.63 -18.31 -6.50
C SER B 93 19.99 -19.77 -6.28
N THR B 94 20.22 -20.54 -7.34
CA THR B 94 20.69 -21.91 -7.15
C THR B 94 22.17 -21.99 -6.84
N PHE B 95 22.86 -20.86 -6.81
CA PHE B 95 24.30 -20.81 -6.57
C PHE B 95 24.65 -20.02 -5.32
N HIS B 96 23.72 -19.96 -4.35
CA HIS B 96 23.95 -19.17 -3.15
C HIS B 96 25.01 -19.79 -2.23
N ARG B 97 25.10 -21.12 -2.23
CA ARG B 97 26.06 -21.78 -1.34
C ARG B 97 27.47 -21.29 -1.68
N PRO B 98 28.27 -20.93 -0.67
CA PRO B 98 29.48 -20.14 -0.93
C PRO B 98 30.48 -20.78 -1.89
N GLU B 99 30.54 -22.11 -1.95
CA GLU B 99 31.50 -22.73 -2.87
C GLU B 99 31.05 -22.65 -4.33
N LEU B 100 29.80 -22.27 -4.58
CA LEU B 100 29.28 -22.17 -5.95
C LEU B 100 29.37 -20.76 -6.51
N VAL B 101 29.83 -19.78 -5.73
CA VAL B 101 29.69 -18.38 -6.13
C VAL B 101 30.72 -17.98 -7.16
N ARG B 102 32.01 -18.18 -6.86
CA ARG B 102 33.04 -17.86 -7.83
C ARG B 102 32.95 -18.72 -9.09
N PRO B 103 32.71 -20.04 -9.04
CA PRO B 103 32.49 -20.78 -10.29
C PRO B 103 31.32 -20.25 -11.10
N ALA B 104 30.26 -19.79 -10.43
CA ALA B 104 29.15 -19.20 -11.16
C ALA B 104 29.56 -17.92 -11.87
N LEU B 105 30.35 -17.07 -11.19
CA LEU B 105 30.84 -15.85 -11.83
C LEU B 105 31.77 -16.17 -13.00
N GLU B 106 32.67 -17.13 -12.80
CA GLU B 106 33.61 -17.49 -13.87
C GLU B 106 32.88 -18.03 -15.09
N ASN B 107 31.81 -18.81 -14.89
CA ASN B 107 31.03 -19.30 -16.03
C ASN B 107 30.35 -18.16 -16.76
N SER B 108 29.80 -17.19 -16.02
CA SER B 108 29.21 -16.01 -16.65
C SER B 108 30.25 -15.26 -17.47
N LEU B 109 31.46 -15.11 -16.93
CA LEU B 109 32.52 -14.42 -17.67
C LEU B 109 32.90 -15.19 -18.93
N LYS B 110 32.94 -16.52 -18.86
CA LYS B 110 33.26 -17.31 -20.04
C LYS B 110 32.17 -17.17 -21.11
N LYS B 111 30.90 -17.19 -20.68
CA LYS B 111 29.80 -17.01 -21.62
C LYS B 111 29.90 -15.68 -22.34
N ALA B 112 30.03 -14.59 -21.58
CA ALA B 112 30.14 -13.26 -22.16
C ALA B 112 31.51 -12.98 -22.77
N GLN B 113 32.49 -13.87 -22.55
CA GLN B 113 33.85 -13.68 -23.03
C GLN B 113 34.41 -12.33 -22.58
N LEU B 114 34.26 -12.05 -21.29
CA LEU B 114 34.81 -10.85 -20.66
C LEU B 114 35.77 -11.29 -19.56
N ASP B 115 36.69 -10.38 -19.21
CA ASP B 115 37.64 -10.67 -18.15
C ASP B 115 37.10 -10.30 -16.77
N TYR B 116 36.17 -9.36 -16.71
CA TYR B 116 35.56 -8.96 -15.45
C TYR B 116 34.15 -8.42 -15.74
N VAL B 117 33.34 -8.36 -14.70
CA VAL B 117 32.11 -7.59 -14.75
C VAL B 117 32.32 -6.34 -13.92
N ASP B 118 31.64 -5.26 -14.30
CA ASP B 118 31.70 -4.05 -13.50
C ASP B 118 30.87 -4.17 -12.23
N LEU B 119 29.88 -5.06 -12.24
CA LEU B 119 28.99 -5.22 -11.09
C LEU B 119 28.45 -6.64 -11.07
N TYR B 120 28.53 -7.29 -9.90
CA TYR B 120 27.98 -8.61 -9.69
C TYR B 120 26.99 -8.55 -8.53
N LEU B 121 25.76 -9.01 -8.77
CA LEU B 121 24.70 -8.93 -7.80
C LEU B 121 24.25 -10.32 -7.35
N ILE B 122 23.86 -10.42 -6.09
CA ILE B 122 22.99 -11.50 -5.64
C ILE B 122 21.62 -11.23 -6.23
N HIS B 123 21.15 -12.09 -7.14
CA HIS B 123 19.92 -11.80 -7.87
C HIS B 123 18.72 -11.75 -6.96
N SER B 124 18.70 -12.54 -5.89
CA SER B 124 17.52 -12.66 -5.05
C SER B 124 17.94 -13.24 -3.71
N PRO B 125 17.25 -12.87 -2.62
CA PRO B 125 17.54 -13.50 -1.32
C PRO B 125 16.93 -14.89 -1.16
N MET B 126 16.08 -15.32 -2.09
CA MET B 126 15.34 -16.57 -1.93
C MET B 126 16.14 -17.71 -2.55
N SER B 127 16.91 -18.40 -1.70
CA SER B 127 17.78 -19.47 -2.14
C SER B 127 16.97 -20.66 -2.65
N LEU B 128 17.52 -21.34 -3.66
CA LEU B 128 16.88 -22.49 -4.29
C LEU B 128 17.84 -23.67 -4.30
N LYS B 129 17.29 -24.84 -4.55
CA LYS B 129 18.05 -26.09 -4.55
C LYS B 129 19.18 -26.02 -5.57
N PRO B 130 20.42 -26.27 -5.17
CA PRO B 130 21.53 -26.24 -6.15
C PRO B 130 21.37 -27.35 -7.18
N GLY B 131 21.72 -27.01 -8.41
CA GLY B 131 21.55 -27.94 -9.51
C GLY B 131 21.58 -27.19 -10.83
N GLU B 132 21.33 -27.93 -11.90
CA GLU B 132 21.34 -27.34 -13.24
C GLU B 132 20.08 -26.57 -13.55
N GLU B 133 18.95 -26.89 -12.90
CA GLU B 133 17.69 -26.23 -13.19
C GLU B 133 17.68 -24.82 -12.61
N LEU B 134 17.27 -23.86 -13.43
CA LEU B 134 17.01 -22.52 -12.93
C LEU B 134 15.89 -22.53 -11.91
N SER B 135 14.80 -23.24 -12.21
CA SER B 135 13.64 -23.35 -11.34
C SER B 135 13.40 -24.82 -11.03
N PRO B 136 14.17 -25.38 -10.09
CA PRO B 136 14.00 -26.79 -9.74
C PRO B 136 12.68 -27.01 -9.01
N THR B 137 11.93 -28.02 -9.46
CA THR B 137 10.60 -28.32 -8.93
C THR B 137 10.51 -29.79 -8.57
N ASP B 138 9.61 -30.10 -7.63
CA ASP B 138 9.47 -31.45 -7.11
C ASP B 138 8.43 -32.23 -7.93
N GLU B 139 8.09 -33.44 -7.46
CA GLU B 139 7.11 -34.26 -8.15
C GLU B 139 5.77 -33.56 -8.28
N ASN B 140 5.40 -32.73 -7.31
CA ASN B 140 4.13 -32.01 -7.31
C ASN B 140 4.29 -30.58 -7.81
N GLY B 141 5.30 -30.32 -8.63
CA GLY B 141 5.44 -29.05 -9.33
C GLY B 141 5.78 -27.87 -8.47
N LYS B 142 6.10 -28.10 -7.20
CA LYS B 142 6.42 -26.98 -6.29
C LYS B 142 7.93 -26.68 -6.32
N VAL B 143 8.28 -25.39 -6.35
CA VAL B 143 9.67 -24.97 -6.43
C VAL B 143 10.42 -25.35 -5.16
N ILE B 144 11.61 -25.90 -5.32
CA ILE B 144 12.36 -26.49 -4.22
C ILE B 144 13.29 -25.42 -3.64
N PHE B 145 12.96 -24.93 -2.46
CA PHE B 145 13.76 -23.92 -1.79
C PHE B 145 15.03 -24.53 -1.19
N ASP B 146 16.00 -23.66 -0.92
CA ASP B 146 17.18 -24.01 -0.15
C ASP B 146 17.31 -23.04 1.01
N ILE B 147 18.12 -23.42 2.00
CA ILE B 147 18.39 -22.58 3.17
C ILE B 147 19.89 -22.31 3.20
N VAL B 148 20.25 -21.04 3.03
CA VAL B 148 21.65 -20.62 2.99
C VAL B 148 21.81 -19.34 3.79
N ASP B 149 22.89 -19.25 4.56
CA ASP B 149 23.28 -18.03 5.26
C ASP B 149 23.82 -17.05 4.22
N LEU B 150 23.02 -16.06 3.86
CA LEU B 150 23.43 -15.10 2.83
C LEU B 150 24.66 -14.30 3.25
N CYS B 151 24.98 -14.28 4.55
CA CYS B 151 26.24 -13.67 4.98
C CYS B 151 27.43 -14.46 4.47
N THR B 152 27.31 -15.79 4.40
CA THR B 152 28.39 -16.59 3.81
C THR B 152 28.44 -16.40 2.30
N THR B 153 27.26 -16.32 1.66
CA THR B 153 27.22 -15.98 0.24
C THR B 153 27.90 -14.65 -0.02
N TRP B 154 27.64 -13.64 0.81
CA TRP B 154 28.24 -12.33 0.62
C TRP B 154 29.75 -12.39 0.78
N GLU B 155 30.23 -13.17 1.77
CA GLU B 155 31.67 -13.34 1.93
C GLU B 155 32.31 -13.87 0.65
N ALA B 156 31.65 -14.82 -0.01
CA ALA B 156 32.15 -15.32 -1.28
C ALA B 156 32.15 -14.23 -2.34
N MET B 157 31.12 -13.38 -2.35
CA MET B 157 31.10 -12.24 -3.26
C MET B 157 32.31 -11.33 -3.04
N GLU B 158 32.67 -11.10 -1.77
CA GLU B 158 33.78 -10.21 -1.47
C GLU B 158 35.10 -10.75 -2.02
N LYS B 159 35.27 -12.07 -1.99
CA LYS B 159 36.47 -12.67 -2.59
C LYS B 159 36.52 -12.42 -4.08
N CYS B 160 35.36 -12.45 -4.74
CA CYS B 160 35.31 -12.21 -6.18
C CYS B 160 35.73 -10.78 -6.52
N LYS B 161 35.38 -9.82 -5.66
CA LYS B 161 35.89 -8.46 -5.85
C LYS B 161 37.39 -8.41 -5.60
N ASP B 162 37.85 -9.09 -4.54
CA ASP B 162 39.29 -9.12 -4.25
C ASP B 162 40.07 -9.82 -5.36
N ALA B 163 39.44 -10.78 -6.05
CA ALA B 163 40.09 -11.46 -7.15
C ALA B 163 40.10 -10.63 -8.43
N GLY B 164 39.40 -9.49 -8.46
CA GLY B 164 39.32 -8.68 -9.65
C GLY B 164 38.34 -9.17 -10.69
N LEU B 165 37.53 -10.18 -10.36
CA LEU B 165 36.53 -10.67 -11.31
C LEU B 165 35.33 -9.76 -11.37
N ALA B 166 35.04 -9.02 -10.30
CA ALA B 166 33.96 -8.06 -10.26
C ALA B 166 34.48 -6.77 -9.66
N LYS B 167 34.29 -5.65 -10.38
CA LYS B 167 34.75 -4.37 -9.87
C LYS B 167 33.95 -3.96 -8.63
N SER B 168 32.64 -4.14 -8.67
CA SER B 168 31.77 -3.84 -7.55
C SER B 168 30.83 -5.02 -7.31
N ILE B 169 30.33 -5.12 -6.08
CA ILE B 169 29.36 -6.14 -5.71
C ILE B 169 28.18 -5.47 -5.04
N GLY B 170 27.00 -6.04 -5.26
CA GLY B 170 25.78 -5.54 -4.65
C GLY B 170 24.74 -6.63 -4.50
N VAL B 171 23.50 -6.25 -4.26
CA VAL B 171 22.41 -7.19 -4.06
C VAL B 171 21.23 -6.76 -4.91
N SER B 172 20.20 -7.60 -4.93
CA SER B 172 19.01 -7.36 -5.71
C SER B 172 17.83 -8.02 -4.99
N ASN B 173 16.70 -7.31 -4.95
CA ASN B 173 15.46 -7.78 -4.35
C ASN B 173 15.58 -7.99 -2.84
N PHE B 174 16.50 -7.28 -2.19
CA PHE B 174 16.62 -7.32 -0.75
C PHE B 174 15.69 -6.29 -0.13
N ASN B 175 15.09 -6.63 1.00
CA ASN B 175 14.31 -5.67 1.76
C ASN B 175 15.22 -5.06 2.84
N ARG B 176 14.63 -4.25 3.72
CA ARG B 176 15.43 -3.54 4.71
C ARG B 176 16.10 -4.50 5.69
N ARG B 177 15.34 -5.47 6.20
CA ARG B 177 15.91 -6.45 7.13
C ARG B 177 17.03 -7.24 6.47
N GLN B 178 16.94 -7.53 5.18
CA GLN B 178 17.99 -8.31 4.49
C GLN B 178 19.28 -7.50 4.36
N LEU B 179 19.16 -6.23 4.01
CA LEU B 179 20.30 -5.31 3.87
C LEU B 179 21.00 -5.20 5.23
N GLU B 180 20.22 -5.07 6.31
CA GLU B 180 20.73 -4.91 7.70
C GLU B 180 21.57 -6.13 8.06
N MET B 181 21.13 -7.32 7.67
CA MET B 181 21.86 -8.59 7.87
C MET B 181 23.25 -8.48 7.25
N ILE B 182 23.38 -7.92 6.04
CA ILE B 182 24.71 -7.75 5.45
C ILE B 182 25.45 -6.63 6.15
N LEU B 183 24.80 -5.49 6.30
CA LEU B 183 25.47 -4.29 6.86
C LEU B 183 25.96 -4.53 8.28
N ASN B 184 25.33 -5.44 9.02
CA ASN B 184 25.71 -5.68 10.43
C ASN B 184 26.59 -6.91 10.57
N LYS B 185 27.05 -7.52 9.48
CA LYS B 185 27.90 -8.73 9.56
C LYS B 185 29.23 -8.39 10.23
N PRO B 186 29.72 -9.18 11.21
CA PRO B 186 31.00 -8.91 11.84
C PRO B 186 32.04 -9.21 10.75
N GLY B 187 33.03 -8.34 10.62
CA GLY B 187 34.08 -8.54 9.61
C GLY B 187 33.69 -8.09 8.22
N LEU B 188 32.62 -7.32 8.08
CA LEU B 188 32.21 -6.90 6.72
C LEU B 188 33.36 -6.12 6.07
N LYS B 189 33.71 -6.51 4.86
CA LYS B 189 34.79 -5.81 4.12
C LYS B 189 34.16 -4.84 3.13
N TYR B 190 33.21 -5.31 2.34
CA TYR B 190 32.61 -4.45 1.33
C TYR B 190 31.11 -4.37 1.55
N LYS B 191 30.61 -3.14 1.70
CA LYS B 191 29.18 -2.92 1.66
C LYS B 191 28.65 -3.20 0.26
N PRO B 192 27.37 -3.53 0.12
CA PRO B 192 26.76 -3.59 -1.21
C PRO B 192 26.71 -2.18 -1.79
N VAL B 193 27.18 -2.04 -3.03
CA VAL B 193 27.15 -0.73 -3.66
C VAL B 193 25.72 -0.36 -4.04
N CYS B 194 24.85 -1.36 -4.25
CA CYS B 194 23.52 -1.09 -4.76
C CYS B 194 22.57 -2.19 -4.35
N ASN B 195 21.28 -1.89 -4.48
CA ASN B 195 20.18 -2.83 -4.28
C ASN B 195 19.21 -2.63 -5.43
N GLN B 196 19.21 -3.55 -6.39
CA GLN B 196 18.35 -3.46 -7.56
C GLN B 196 16.99 -4.07 -7.23
N VAL B 197 15.95 -3.22 -7.22
CA VAL B 197 14.61 -3.63 -6.81
C VAL B 197 13.59 -3.11 -7.81
N GLU B 198 12.40 -3.69 -7.75
CA GLU B 198 11.28 -3.16 -8.52
C GLU B 198 10.90 -1.79 -7.99
N CYS B 199 10.83 -0.81 -8.88
CA CYS B 199 10.58 0.57 -8.44
C CYS B 199 9.99 1.35 -9.59
N HIS B 200 8.81 1.93 -9.38
CA HIS B 200 8.09 2.69 -10.40
C HIS B 200 7.01 3.48 -9.71
N PRO B 201 6.38 4.44 -10.40
CA PRO B 201 5.40 5.31 -9.71
C PRO B 201 4.31 4.58 -8.95
N TYR B 202 3.95 3.34 -9.32
CA TYR B 202 2.97 2.58 -8.58
C TYR B 202 3.57 1.82 -7.40
N PHE B 203 4.90 1.72 -7.34
CA PHE B 203 5.63 1.04 -6.27
C PHE B 203 6.98 1.77 -6.16
N ASN B 204 7.00 2.87 -5.41
CA ASN B 204 8.13 3.79 -5.52
C ASN B 204 9.19 3.58 -4.45
N ARG B 205 8.96 2.64 -3.53
CA ARG B 205 9.98 2.21 -2.56
C ARG B 205 10.51 3.40 -1.76
N SER B 206 9.62 4.31 -1.38
CA SER B 206 10.04 5.54 -0.71
CA SER B 206 10.05 5.54 -0.71
C SER B 206 10.84 5.23 0.56
N LYS B 207 10.35 4.29 1.37
CA LYS B 207 11.04 3.99 2.63
C LYS B 207 12.36 3.27 2.38
N LEU B 208 12.38 2.33 1.44
CA LEU B 208 13.63 1.65 1.11
C LEU B 208 14.66 2.61 0.53
N LEU B 209 14.20 3.59 -0.25
CA LEU B 209 15.12 4.56 -0.83
C LEU B 209 15.76 5.42 0.26
N ASP B 210 14.95 5.90 1.21
CA ASP B 210 15.50 6.69 2.31
C ASP B 210 16.45 5.87 3.17
N PHE B 211 16.20 4.57 3.33
CA PHE B 211 17.16 3.73 4.04
C PHE B 211 18.46 3.62 3.27
N CYS B 212 18.38 3.28 1.98
CA CYS B 212 19.59 3.06 1.18
C CYS B 212 20.42 4.33 1.09
N LYS B 213 19.77 5.48 0.95
CA LYS B 213 20.49 6.75 0.89
C LYS B 213 21.31 6.96 2.16
N SER B 214 20.75 6.63 3.31
CA SER B 214 21.45 6.82 4.58
C SER B 214 22.63 5.86 4.73
N LYS B 215 22.67 4.78 3.95
CA LYS B 215 23.79 3.86 3.96
C LYS B 215 24.71 4.04 2.76
N ASP B 216 24.46 5.08 1.95
CA ASP B 216 25.16 5.30 0.69
C ASP B 216 25.13 4.04 -0.19
N ILE B 217 23.94 3.46 -0.27
CA ILE B 217 23.65 2.35 -1.17
C ILE B 217 22.73 2.87 -2.26
N VAL B 218 23.11 2.64 -3.51
CA VAL B 218 22.31 3.11 -4.64
C VAL B 218 21.14 2.16 -4.86
N LEU B 219 19.94 2.73 -4.94
CA LEU B 219 18.79 1.94 -5.39
C LEU B 219 18.75 1.97 -6.91
N VAL B 220 18.71 0.79 -7.53
CA VAL B 220 18.58 0.65 -8.96
C VAL B 220 17.18 0.13 -9.25
N ALA B 221 16.44 0.83 -10.10
CA ALA B 221 15.04 0.51 -10.34
C ALA B 221 14.91 -0.39 -11.57
N TYR B 222 14.23 -1.52 -11.40
CA TYR B 222 13.77 -2.31 -12.53
C TYR B 222 12.25 -2.27 -12.58
N SER B 223 11.70 -2.68 -13.72
CA SER B 223 10.28 -2.50 -14.03
C SER B 223 9.89 -1.04 -13.91
N ALA B 224 10.82 -0.11 -14.16
CA ALA B 224 10.58 1.35 -14.12
C ALA B 224 9.53 1.77 -15.17
N LEU B 225 9.31 0.92 -16.16
CA LEU B 225 8.34 1.18 -17.24
C LEU B 225 7.07 0.35 -17.02
N GLY B 226 6.92 -0.25 -15.84
CA GLY B 226 5.72 -1.01 -15.49
C GLY B 226 5.75 -2.50 -15.77
N SER B 227 6.92 -3.03 -16.12
CA SER B 227 7.28 -4.44 -16.42
C SER B 227 6.89 -4.88 -17.83
N GLN B 228 7.22 -6.11 -18.17
CA GLN B 228 6.87 -6.68 -19.49
C GLN B 228 5.48 -7.34 -19.42
N ARG B 229 4.88 -7.37 -18.23
CA ARG B 229 3.53 -7.93 -17.96
C ARG B 229 3.48 -9.38 -18.47
N ASP B 230 4.51 -10.16 -18.20
CA ASP B 230 4.56 -11.58 -18.61
C ASP B 230 3.38 -12.33 -17.97
N LYS B 231 2.69 -13.14 -18.76
CA LYS B 231 1.55 -13.97 -18.36
C LYS B 231 1.94 -14.86 -17.17
N ARG B 232 3.19 -15.27 -17.07
CA ARG B 232 3.52 -16.20 -16.01
C ARG B 232 3.52 -15.54 -14.64
N TRP B 233 3.76 -14.22 -14.56
CA TRP B 233 3.97 -13.58 -13.28
C TRP B 233 3.09 -12.36 -13.01
N VAL B 234 2.49 -11.77 -14.03
CA VAL B 234 1.75 -10.52 -13.87
C VAL B 234 0.27 -10.80 -14.08
N ASP B 235 -0.54 -10.41 -13.10
CA ASP B 235 -1.99 -10.40 -13.24
C ASP B 235 -2.35 -9.49 -14.40
N PRO B 236 -3.04 -10.00 -15.43
CA PRO B 236 -3.44 -9.14 -16.54
C PRO B 236 -4.36 -8.01 -16.13
N ASN B 237 -5.05 -8.15 -15.00
CA ASN B 237 -5.97 -7.11 -14.53
C ASN B 237 -5.27 -6.01 -13.76
N SER B 238 -3.95 -6.10 -13.56
CA SER B 238 -3.23 -5.03 -12.88
C SER B 238 -3.15 -3.80 -13.80
N PRO B 239 -3.16 -2.60 -13.21
CA PRO B 239 -3.15 -1.39 -14.04
C PRO B 239 -1.86 -1.28 -14.85
N VAL B 240 -1.99 -0.77 -16.07
CA VAL B 240 -0.88 -0.58 -16.98
C VAL B 240 -0.23 0.76 -16.67
N LEU B 241 1.04 0.72 -16.24
CA LEU B 241 1.69 1.91 -15.72
C LEU B 241 1.71 3.04 -16.75
N LEU B 242 2.07 2.72 -17.99
CA LEU B 242 2.22 3.77 -18.99
C LEU B 242 0.88 4.32 -19.49
N GLU B 243 -0.25 3.77 -19.04
CA GLU B 243 -1.56 4.33 -19.32
C GLU B 243 -2.02 5.30 -18.24
N ASP B 244 -1.20 5.56 -17.23
CA ASP B 244 -1.67 6.32 -16.07
C ASP B 244 -1.99 7.75 -16.46
N PRO B 245 -3.14 8.29 -16.05
CA PRO B 245 -3.52 9.65 -16.47
C PRO B 245 -2.51 10.72 -16.09
N VAL B 246 -1.93 10.66 -14.89
CA VAL B 246 -0.98 11.69 -14.47
C VAL B 246 0.27 11.65 -15.35
N LEU B 247 0.81 10.45 -15.58
CA LEU B 247 1.98 10.33 -16.44
C LEU B 247 1.67 10.78 -17.86
N CYS B 248 0.48 10.46 -18.35
CA CYS B 248 0.09 10.87 -19.71
C CYS B 248 -0.13 12.37 -19.78
N ALA B 249 -0.69 12.96 -18.71
CA ALA B 249 -0.84 14.42 -18.68
C ALA B 249 0.51 15.10 -18.65
N LEU B 250 1.45 14.58 -17.86
CA LEU B 250 2.78 15.16 -17.79
C LEU B 250 3.55 15.00 -19.10
N ALA B 251 3.30 13.91 -19.81
CA ALA B 251 3.92 13.73 -21.13
C ALA B 251 3.44 14.79 -22.11
N LYS B 252 2.12 15.02 -22.14
CA LYS B 252 1.56 16.12 -22.94
C LYS B 252 2.20 17.44 -22.56
N LYS B 253 2.33 17.70 -21.26
CA LYS B 253 2.81 19.00 -20.79
C LYS B 253 4.24 19.26 -21.21
N HIS B 254 5.08 18.24 -21.17
CA HIS B 254 6.50 18.38 -21.49
C HIS B 254 6.83 18.04 -22.93
N LYS B 255 5.84 17.62 -23.72
CA LYS B 255 6.07 17.12 -25.08
C LYS B 255 7.05 15.94 -25.07
N ARG B 256 6.72 14.96 -24.23
CA ARG B 256 7.52 13.74 -24.08
C ARG B 256 6.54 12.57 -24.08
N THR B 257 7.03 11.40 -23.69
CA THR B 257 6.22 10.20 -23.58
C THR B 257 6.00 9.83 -22.13
N PRO B 258 4.96 9.03 -21.83
CA PRO B 258 4.81 8.52 -20.45
C PRO B 258 6.04 7.79 -19.94
N ALA B 259 6.68 7.00 -20.81
CA ALA B 259 7.88 6.27 -20.41
C ALA B 259 9.00 7.23 -20.02
N LEU B 260 9.19 8.30 -20.79
CA LEU B 260 10.23 9.28 -20.45
C LEU B 260 9.93 9.99 -19.14
N ILE B 261 8.64 10.22 -18.84
CA ILE B 261 8.28 10.77 -17.53
C ILE B 261 8.67 9.80 -16.43
N ALA B 262 8.39 8.51 -16.62
CA ALA B 262 8.68 7.52 -15.59
C ALA B 262 10.18 7.39 -15.37
N LEU B 263 10.97 7.46 -16.43
CA LEU B 263 12.43 7.37 -16.27
C LEU B 263 12.98 8.63 -15.62
N ARG B 264 12.49 9.81 -16.02
CA ARG B 264 12.97 11.06 -15.44
C ARG B 264 12.63 11.16 -13.96
N TYR B 265 11.48 10.61 -13.56
CA TYR B 265 11.09 10.61 -12.15
C TYR B 265 12.18 9.98 -11.27
N GLN B 266 12.73 8.85 -11.71
CA GLN B 266 13.73 8.16 -10.90
C GLN B 266 15.05 8.93 -10.86
N LEU B 267 15.47 9.46 -12.01
CA LEU B 267 16.74 10.18 -12.06
C LEU B 267 16.75 11.37 -11.11
N GLN B 268 15.60 12.03 -10.94
CA GLN B 268 15.54 13.22 -10.12
C GLN B 268 15.40 12.92 -8.63
N ARG B 269 15.02 11.69 -8.27
CA ARG B 269 14.99 11.29 -6.87
C ARG B 269 16.22 10.51 -6.45
N GLY B 270 17.26 10.48 -7.29
CA GLY B 270 18.50 9.82 -6.93
C GLY B 270 18.53 8.32 -7.17
N VAL B 271 17.66 7.81 -8.02
CA VAL B 271 17.59 6.38 -8.31
C VAL B 271 18.20 6.14 -9.69
N VAL B 272 19.08 5.15 -9.77
CA VAL B 272 19.56 4.68 -11.06
C VAL B 272 18.46 3.82 -11.69
N VAL B 273 18.19 4.04 -12.97
CA VAL B 273 17.02 3.48 -13.61
C VAL B 273 17.46 2.60 -14.78
N LEU B 274 16.86 1.42 -14.86
CA LEU B 274 17.02 0.54 -16.01
C LEU B 274 15.82 0.69 -16.94
N ALA B 275 16.05 0.44 -18.22
CA ALA B 275 14.99 0.52 -19.22
C ALA B 275 15.21 -0.59 -20.24
N LYS B 276 14.27 -1.53 -20.31
CA LYS B 276 14.31 -2.58 -21.33
C LYS B 276 13.50 -2.16 -22.53
N SER B 277 14.08 -2.31 -23.72
CA SER B 277 13.32 -2.24 -24.96
C SER B 277 14.07 -3.03 -26.01
N TYR B 278 13.32 -3.81 -26.79
CA TYR B 278 13.86 -4.52 -27.95
C TYR B 278 13.45 -3.87 -29.26
N ASN B 279 13.01 -2.61 -29.21
CA ASN B 279 12.58 -1.88 -30.40
C ASN B 279 13.48 -0.67 -30.56
N GLU B 280 14.10 -0.57 -31.75
CA GLU B 280 15.16 0.40 -31.95
C GLU B 280 14.71 1.83 -31.66
N GLN B 281 13.48 2.18 -32.03
CA GLN B 281 13.04 3.56 -31.84
C GLN B 281 12.81 3.89 -30.38
N ARG B 282 12.27 2.93 -29.62
CA ARG B 282 12.07 3.17 -28.19
C ARG B 282 13.37 3.08 -27.41
N ILE B 283 14.34 2.30 -27.88
CA ILE B 283 15.68 2.31 -27.29
C ILE B 283 16.28 3.71 -27.39
N ARG B 284 16.22 4.30 -28.59
CA ARG B 284 16.80 5.61 -28.79
C ARG B 284 16.00 6.70 -28.07
N GLN B 285 14.69 6.52 -27.97
CA GLN B 285 13.86 7.51 -27.28
C GLN B 285 14.21 7.59 -25.80
N ASN B 286 14.55 6.46 -25.19
CA ASN B 286 14.73 6.43 -23.74
C ASN B 286 15.94 7.24 -23.29
N VAL B 287 16.97 7.36 -24.13
CA VAL B 287 18.12 8.19 -23.77
C VAL B 287 17.81 9.68 -23.84
N GLN B 288 16.66 10.07 -24.39
CA GLN B 288 16.21 11.45 -24.33
C GLN B 288 15.79 11.86 -22.93
N VAL B 289 15.83 10.94 -21.95
CA VAL B 289 15.53 11.27 -20.56
C VAL B 289 16.43 12.37 -20.04
N PHE B 290 17.61 12.54 -20.63
CA PHE B 290 18.55 13.58 -20.20
C PHE B 290 18.25 14.94 -20.80
N GLU B 291 17.28 15.04 -21.71
CA GLU B 291 17.05 16.28 -22.44
C GLU B 291 16.02 17.19 -21.79
N PHE B 292 15.35 16.75 -20.74
CA PHE B 292 14.30 17.57 -20.13
C PHE B 292 14.31 17.39 -18.62
N GLN B 293 13.47 18.18 -17.96
CA GLN B 293 13.43 18.24 -16.52
C GLN B 293 11.99 18.28 -16.05
N LEU B 294 11.73 17.65 -14.91
CA LEU B 294 10.42 17.71 -14.26
C LEU B 294 10.48 18.70 -13.11
N THR B 295 9.42 19.48 -12.95
CA THR B 295 9.37 20.46 -11.88
C THR B 295 9.12 19.77 -10.55
N ALA B 296 9.47 20.47 -9.47
CA ALA B 296 9.17 19.96 -8.13
C ALA B 296 7.69 19.65 -7.96
N GLU B 297 6.83 20.38 -8.67
CA GLU B 297 5.41 20.05 -8.63
C GLU B 297 5.10 18.76 -9.38
N ASP B 298 5.74 18.54 -10.53
CA ASP B 298 5.58 17.26 -11.23
C ASP B 298 6.02 16.10 -10.36
N MET B 299 7.12 16.26 -9.63
CA MET B 299 7.63 15.16 -8.82
C MET B 299 6.65 14.81 -7.70
N LYS B 300 6.01 15.81 -7.10
CA LYS B 300 5.00 15.52 -6.08
C LYS B 300 3.81 14.79 -6.70
N ALA B 301 3.42 15.17 -7.91
CA ALA B 301 2.28 14.52 -8.56
C ALA B 301 2.57 13.05 -8.84
N ILE B 302 3.81 12.73 -9.20
CA ILE B 302 4.16 11.33 -9.44
C ILE B 302 4.34 10.59 -8.12
N ASP B 303 4.87 11.27 -7.11
CA ASP B 303 4.96 10.69 -5.77
C ASP B 303 3.62 10.15 -5.30
N GLY B 304 2.53 10.83 -5.66
CA GLY B 304 1.21 10.46 -5.22
C GLY B 304 0.59 9.25 -5.88
N LEU B 305 1.24 8.65 -6.87
CA LEU B 305 0.68 7.51 -7.59
C LEU B 305 0.96 6.18 -6.91
N ASP B 306 1.81 6.16 -5.89
CA ASP B 306 2.20 4.91 -5.24
C ASP B 306 0.98 4.13 -4.75
N ARG B 307 0.94 2.84 -5.11
CA ARG B 307 -0.14 1.95 -4.68
C ARG B 307 0.36 0.60 -4.21
N ASN B 308 1.64 0.50 -3.86
CA ASN B 308 2.23 -0.74 -3.31
C ASN B 308 1.99 -1.93 -4.22
N LEU B 309 2.10 -1.70 -5.52
CA LEU B 309 1.82 -2.71 -6.53
C LEU B 309 3.14 -3.21 -7.11
N HIS B 310 3.58 -4.40 -6.67
CA HIS B 310 4.69 -5.07 -7.35
C HIS B 310 4.09 -5.96 -8.43
N TYR B 311 4.53 -5.73 -9.68
CA TYR B 311 3.97 -6.48 -10.79
C TYR B 311 4.35 -7.95 -10.73
N PHE B 312 5.52 -8.27 -10.19
CA PHE B 312 5.89 -9.66 -9.91
C PHE B 312 4.97 -10.20 -8.82
N ASN B 313 4.11 -11.16 -9.19
CA ASN B 313 3.22 -11.81 -8.24
C ASN B 313 3.30 -13.32 -8.48
N SER B 314 3.82 -14.05 -7.50
CA SER B 314 3.97 -15.49 -7.59
C SER B 314 3.63 -16.09 -6.22
N ASP B 315 2.52 -16.83 -6.16
CA ASP B 315 2.08 -17.40 -4.90
C ASP B 315 3.10 -18.39 -4.35
N SER B 316 3.76 -19.14 -5.24
CA SER B 316 4.76 -20.11 -4.81
C SER B 316 5.87 -19.45 -4.00
N PHE B 317 6.51 -18.44 -4.58
CA PHE B 317 7.63 -17.78 -3.93
C PHE B 317 7.21 -16.96 -2.72
N ALA B 318 5.94 -16.54 -2.66
CA ALA B 318 5.47 -15.79 -1.49
C ALA B 318 5.60 -16.59 -0.20
N SER B 319 5.74 -17.91 -0.29
CA SER B 319 5.93 -18.75 0.88
C SER B 319 7.40 -18.95 1.24
N HIS B 320 8.32 -18.46 0.42
CA HIS B 320 9.74 -18.60 0.74
C HIS B 320 10.08 -17.81 2.00
N PRO B 321 10.90 -18.37 2.90
CA PRO B 321 11.24 -17.65 4.13
C PRO B 321 11.93 -16.31 3.91
N ASN B 322 12.53 -16.09 2.74
CA ASN B 322 13.21 -14.84 2.45
C ASN B 322 12.51 -14.00 1.39
N TYR B 323 11.24 -14.30 1.11
CA TYR B 323 10.39 -13.47 0.27
C TYR B 323 10.49 -12.01 0.72
N PRO B 324 10.90 -11.09 -0.16
CA PRO B 324 11.21 -9.74 0.30
C PRO B 324 9.98 -8.91 0.65
N TYR B 325 8.83 -9.21 0.05
CA TYR B 325 7.62 -8.47 0.34
C TYR B 325 6.82 -9.12 1.46
#